data_2QGX
#
_entry.id   2QGX
#
_cell.length_a   60.390
_cell.length_b   60.390
_cell.length_c   172.820
_cell.angle_alpha   90.00
_cell.angle_beta   90.00
_cell.angle_gamma   120.00
#
_symmetry.space_group_name_H-M   'P 32'
#
loop_
_entity.id
_entity.type
_entity.pdbx_description
1 polymer 'Ubiquitin-conjugating enzyme E2 Q1'
2 water water
#
_entity_poly.entity_id   1
_entity_poly.type   'polypeptide(L)'
_entity_poly.pdbx_seq_one_letter_code
;GSGSVQATDRLMKELRDIYRSQSFKGGNYAVELVNDSLYDWNVKLLKVDQDSALHNDLQILKEKEGADFILLNFSFKDNF
PFDPPFVRVVSPVLSGGYVLGGGAICMELLTKQGWSSAYSIESVIMQISATLVKGKARVQFGANKSQYSLTRAQQSYKSL
VQIHEKNGW
;
_entity_poly.pdbx_strand_id   A,B,C,D
#
# COMPACT_ATOMS: atom_id res chain seq x y z
N SER A 4 -21.48 10.20 3.07
CA SER A 4 -22.49 10.89 2.28
C SER A 4 -22.96 10.03 1.11
N VAL A 5 -24.25 10.13 0.80
CA VAL A 5 -24.83 9.39 -0.32
C VAL A 5 -24.59 10.10 -1.64
N GLN A 6 -24.62 11.43 -1.61
CA GLN A 6 -24.41 12.23 -2.81
C GLN A 6 -22.97 12.14 -3.31
N ALA A 7 -22.02 12.33 -2.41
CA ALA A 7 -20.61 12.24 -2.76
C ALA A 7 -20.26 10.86 -3.27
N THR A 8 -20.88 9.84 -2.67
CA THR A 8 -20.66 8.45 -3.06
C THR A 8 -21.24 8.17 -4.44
N ASP A 9 -22.48 8.62 -4.66
CA ASP A 9 -23.14 8.41 -5.94
C ASP A 9 -22.43 9.17 -7.06
N ARG A 10 -22.13 10.43 -6.80
CA ARG A 10 -21.42 11.26 -7.75
C ARG A 10 -20.11 10.59 -8.18
N LEU A 11 -19.37 10.06 -7.20
CA LEU A 11 -18.11 9.39 -7.48
C LEU A 11 -18.29 8.15 -8.34
N MET A 12 -19.34 7.38 -8.07
CA MET A 12 -19.62 6.19 -8.85
C MET A 12 -20.00 6.54 -10.29
N LYS A 13 -20.72 7.64 -10.44
CA LYS A 13 -21.07 8.12 -11.77
C LYS A 13 -19.82 8.43 -12.58
N GLU A 14 -18.87 9.13 -11.96
CA GLU A 14 -17.63 9.50 -12.63
C GLU A 14 -16.86 8.29 -13.15
N LEU A 15 -16.60 7.33 -12.26
CA LEU A 15 -15.85 6.14 -12.64
C LEU A 15 -16.54 5.37 -13.74
N ARG A 16 -17.87 5.37 -13.72
CA ARG A 16 -18.66 4.71 -14.75
C ARG A 16 -18.53 5.44 -16.07
N ASP A 17 -18.37 6.76 -16.00
CA ASP A 17 -18.13 7.57 -17.19
C ASP A 17 -16.77 7.23 -17.76
N ILE A 18 -15.74 7.36 -16.92
CA ILE A 18 -14.38 7.05 -17.33
C ILE A 18 -14.29 5.70 -18.03
N TYR A 19 -15.04 4.72 -17.52
CA TYR A 19 -15.00 3.37 -18.08
C TYR A 19 -15.54 3.29 -19.51
N ARG A 20 -16.47 4.18 -19.84
N ARG A 20 -16.48 4.18 -19.84
CA ARG A 20 -17.10 4.17 -21.16
CA ARG A 20 -17.10 4.18 -21.16
C ARG A 20 -16.58 5.29 -22.06
C ARG A 20 -16.65 5.38 -21.98
N SER A 21 -15.48 5.91 -21.67
CA SER A 21 -14.89 7.01 -22.43
C SER A 21 -13.84 6.47 -23.40
N GLN A 22 -13.82 7.03 -24.61
CA GLN A 22 -12.84 6.61 -25.61
C GLN A 22 -11.43 6.91 -25.12
N SER A 23 -11.32 7.83 -24.16
CA SER A 23 -10.03 8.17 -23.57
C SER A 23 -9.47 6.98 -22.81
N PHE A 24 -10.34 6.31 -22.07
CA PHE A 24 -9.97 5.17 -21.24
C PHE A 24 -9.93 3.88 -22.05
N LYS A 25 -10.70 3.84 -23.12
CA LYS A 25 -10.73 2.68 -24.03
C LYS A 25 -9.47 2.65 -24.88
N GLY A 26 -8.96 3.83 -25.21
CA GLY A 26 -7.79 3.95 -26.07
C GLY A 26 -6.49 3.69 -25.34
N GLY A 27 -6.58 3.46 -24.04
CA GLY A 27 -5.41 3.16 -23.24
C GLY A 27 -4.64 4.39 -22.81
N ASN A 28 -5.30 5.54 -22.82
CA ASN A 28 -4.67 6.79 -22.42
C ASN A 28 -4.31 6.82 -20.93
N TYR A 29 -5.06 6.06 -20.13
CA TYR A 29 -4.81 5.99 -18.71
C TYR A 29 -5.54 4.81 -18.09
N ALA A 30 -5.52 4.74 -16.76
CA ALA A 30 -6.23 3.72 -16.01
C ALA A 30 -6.69 4.27 -14.67
N VAL A 31 -7.68 3.62 -14.07
CA VAL A 31 -8.16 4.04 -12.76
C VAL A 31 -8.21 2.85 -11.81
N GLU A 32 -7.50 2.96 -10.70
CA GLU A 32 -7.41 1.86 -9.75
C GLU A 32 -7.80 2.31 -8.34
N LEU A 33 -8.92 1.80 -7.85
CA LEU A 33 -9.38 2.13 -6.51
C LEU A 33 -8.47 1.50 -5.46
N VAL A 34 -7.39 2.19 -5.12
CA VAL A 34 -6.44 1.70 -4.13
C VAL A 34 -7.15 1.24 -2.86
N ASN A 35 -6.95 -0.03 -2.50
CA ASN A 35 -7.61 -0.64 -1.34
C ASN A 35 -9.13 -0.70 -1.49
N ASP A 36 -9.59 -0.89 -2.73
CA ASP A 36 -11.03 -0.95 -3.02
C ASP A 36 -11.74 0.34 -2.65
N SER A 37 -10.98 1.33 -2.20
CA SER A 37 -11.56 2.59 -1.75
C SER A 37 -12.16 3.37 -2.90
N LEU A 38 -13.41 3.77 -2.73
CA LEU A 38 -14.12 4.56 -3.73
C LEU A 38 -13.70 6.03 -3.62
N TYR A 39 -12.92 6.32 -2.58
CA TYR A 39 -12.49 7.69 -2.30
C TYR A 39 -11.00 7.88 -2.53
N ASP A 40 -10.33 6.84 -3.01
CA ASP A 40 -8.89 6.90 -3.25
C ASP A 40 -8.55 6.26 -4.60
N TRP A 41 -8.24 7.08 -5.58
CA TRP A 41 -7.98 6.62 -6.94
C TRP A 41 -6.51 6.70 -7.29
N ASN A 42 -6.01 5.64 -7.93
CA ASN A 42 -4.71 5.69 -8.58
C ASN A 42 -4.91 5.78 -10.09
N VAL A 43 -4.75 7.00 -10.62
CA VAL A 43 -4.92 7.23 -12.04
C VAL A 43 -3.56 7.33 -12.71
N LYS A 44 -3.21 6.30 -13.48
CA LYS A 44 -1.94 6.29 -14.20
C LYS A 44 -2.15 6.69 -15.66
N LEU A 45 -1.37 7.66 -16.12
CA LEU A 45 -1.41 8.10 -17.51
C LEU A 45 -0.53 7.19 -18.35
N LEU A 46 -1.17 6.40 -19.22
CA LEU A 46 -0.45 5.42 -20.03
C LEU A 46 -0.01 6.02 -21.37
N LYS A 47 -0.93 6.71 -22.03
CA LYS A 47 -0.61 7.42 -23.27
C LYS A 47 -0.53 8.92 -22.99
N VAL A 48 0.68 9.45 -22.99
CA VAL A 48 0.94 10.80 -22.50
C VAL A 48 0.58 11.92 -23.47
N ASP A 51 4.84 12.97 -28.74
CA ASP A 51 4.75 14.17 -29.56
C ASP A 51 5.31 15.32 -28.74
N SER A 52 5.75 14.99 -27.53
CA SER A 52 6.33 15.95 -26.61
C SER A 52 7.59 15.37 -25.97
N ALA A 53 8.33 16.21 -25.24
CA ALA A 53 9.56 15.78 -24.58
C ALA A 53 9.28 14.74 -23.49
N LEU A 54 8.20 14.95 -22.74
CA LEU A 54 7.78 13.99 -21.73
C LEU A 54 7.44 12.66 -22.39
N HIS A 55 6.69 12.74 -23.48
CA HIS A 55 6.35 11.56 -24.27
C HIS A 55 7.63 10.77 -24.59
N ASN A 56 8.73 11.50 -24.72
CA ASN A 56 10.02 10.89 -24.99
C ASN A 56 10.57 10.18 -23.75
N ASP A 57 10.60 10.89 -22.63
CA ASP A 57 11.17 10.36 -21.40
C ASP A 57 10.48 9.08 -20.92
N LEU A 58 9.23 8.87 -21.35
CA LEU A 58 8.48 7.69 -20.94
C LEU A 58 8.87 6.46 -21.75
N GLN A 59 9.37 6.69 -22.96
CA GLN A 59 9.81 5.60 -23.81
C GLN A 59 11.00 4.89 -23.20
N ILE A 60 11.98 5.68 -22.75
CA ILE A 60 13.16 5.13 -22.09
C ILE A 60 12.92 4.98 -20.59
N LEU A 61 11.65 5.06 -20.18
CA LEU A 61 11.28 4.83 -18.80
C LEU A 61 10.92 3.36 -18.62
N LYS A 62 10.09 2.86 -19.53
CA LYS A 62 9.68 1.45 -19.50
C LYS A 62 10.88 0.53 -19.43
N GLU A 63 11.90 0.82 -20.24
CA GLU A 63 13.06 -0.06 -20.33
C GLU A 63 14.00 0.07 -19.13
N LYS A 64 14.62 1.24 -18.98
CA LYS A 64 15.62 1.45 -17.94
C LYS A 64 15.13 1.10 -16.53
N GLU A 65 14.02 1.70 -16.12
CA GLU A 65 13.54 1.55 -14.76
C GLU A 65 12.01 1.45 -14.68
N GLY A 66 11.52 0.26 -14.31
CA GLY A 66 10.10 0.06 -14.10
C GLY A 66 9.26 0.06 -15.37
N ALA A 67 8.08 0.67 -15.28
CA ALA A 67 7.15 0.71 -16.41
C ALA A 67 7.09 2.12 -17.02
N ASP A 68 6.06 2.35 -17.83
CA ASP A 68 5.93 3.61 -18.56
C ASP A 68 4.58 4.28 -18.30
N PHE A 69 4.53 5.09 -17.24
CA PHE A 69 3.32 5.84 -16.93
C PHE A 69 3.54 6.85 -15.80
N ILE A 70 2.77 7.93 -15.83
CA ILE A 70 2.76 8.89 -14.72
C ILE A 70 1.63 8.50 -13.77
N LEU A 71 2.00 8.19 -12.54
CA LEU A 71 1.04 7.71 -11.56
C LEU A 71 0.47 8.84 -10.71
N LEU A 72 -0.82 9.11 -10.87
CA LEU A 72 -1.48 10.16 -10.10
C LEU A 72 -2.28 9.56 -8.97
N ASN A 73 -2.50 10.34 -7.92
CA ASN A 73 -3.34 9.92 -6.81
C ASN A 73 -4.44 10.94 -6.52
N PHE A 74 -5.69 10.52 -6.68
CA PHE A 74 -6.83 11.39 -6.38
C PHE A 74 -7.42 11.07 -5.02
N SER A 75 -7.44 12.05 -4.12
CA SER A 75 -8.07 11.89 -2.82
C SER A 75 -9.35 12.71 -2.76
N PHE A 76 -10.48 12.04 -2.54
CA PHE A 76 -11.78 12.69 -2.61
C PHE A 76 -12.41 12.89 -1.23
N LYS A 77 -11.58 13.04 -0.21
CA LYS A 77 -12.08 13.21 1.15
C LYS A 77 -12.35 14.68 1.52
N ASP A 78 -11.64 15.59 0.86
CA ASP A 78 -11.77 17.01 1.18
C ASP A 78 -12.95 17.69 0.47
N ASN A 79 -14.15 17.36 0.92
CA ASN A 79 -15.37 18.05 0.51
C ASN A 79 -15.70 18.08 -0.99
N PHE A 80 -15.16 17.13 -1.75
CA PHE A 80 -15.54 16.98 -3.15
C PHE A 80 -17.02 16.62 -3.22
N PRO A 81 -17.76 17.15 -4.21
CA PRO A 81 -17.31 18.06 -5.28
C PRO A 81 -17.36 19.53 -4.90
N PHE A 82 -17.64 19.85 -3.65
CA PHE A 82 -17.61 21.24 -3.20
C PHE A 82 -16.21 21.82 -3.36
N ASP A 83 -15.22 21.05 -2.92
CA ASP A 83 -13.81 21.43 -3.10
C ASP A 83 -13.16 20.48 -4.08
N PRO A 84 -12.07 20.93 -4.73
CA PRO A 84 -11.37 20.09 -5.72
C PRO A 84 -10.84 18.80 -5.09
N PRO A 85 -10.58 17.78 -5.92
CA PRO A 85 -9.96 16.55 -5.42
C PRO A 85 -8.50 16.84 -5.15
N PHE A 86 -7.93 16.26 -4.10
CA PHE A 86 -6.50 16.44 -3.89
C PHE A 86 -5.73 15.51 -4.81
N VAL A 87 -5.08 16.09 -5.81
CA VAL A 87 -4.33 15.31 -6.77
C VAL A 87 -2.83 15.54 -6.60
N ARG A 88 -2.07 14.45 -6.71
CA ARG A 88 -0.63 14.54 -6.57
C ARG A 88 0.04 13.53 -7.50
N VAL A 89 1.32 13.78 -7.81
CA VAL A 89 2.09 12.86 -8.62
C VAL A 89 2.82 11.87 -7.72
N VAL A 90 2.54 10.58 -7.91
CA VAL A 90 3.20 9.54 -7.12
C VAL A 90 4.54 9.18 -7.73
N SER A 91 4.57 9.12 -9.07
CA SER A 91 5.79 8.79 -9.79
C SER A 91 5.58 8.91 -11.29
N PRO A 92 6.66 9.09 -12.06
CA PRO A 92 8.02 9.27 -11.55
C PRO A 92 8.26 10.70 -11.11
N VAL A 93 9.45 10.96 -10.57
CA VAL A 93 9.82 12.33 -10.20
C VAL A 93 9.93 13.17 -11.46
N LEU A 94 9.35 14.38 -11.43
CA LEU A 94 9.30 15.22 -12.62
C LEU A 94 9.86 16.62 -12.40
N SER A 95 10.35 17.21 -13.48
CA SER A 95 10.75 18.62 -13.48
C SER A 95 9.79 19.41 -14.37
N GLY A 96 9.37 20.57 -13.89
CA GLY A 96 8.42 21.38 -14.63
C GLY A 96 7.03 20.76 -14.64
N GLY A 97 6.28 20.99 -15.71
CA GLY A 97 4.94 20.48 -15.84
C GLY A 97 4.04 20.98 -14.73
N TYR A 98 4.45 22.06 -14.09
CA TYR A 98 3.68 22.66 -13.01
C TYR A 98 3.63 21.78 -11.76
N VAL A 99 4.57 20.85 -11.67
CA VAL A 99 4.66 19.97 -10.50
C VAL A 99 5.46 20.65 -9.40
N LEU A 100 4.88 20.69 -8.20
CA LEU A 100 5.53 21.31 -7.06
C LEU A 100 6.31 20.28 -6.25
N GLY A 101 7.11 20.75 -5.31
CA GLY A 101 7.91 19.86 -4.48
C GLY A 101 7.06 18.88 -3.71
N GLY A 102 7.28 17.59 -3.96
CA GLY A 102 6.54 16.56 -3.27
C GLY A 102 5.55 15.84 -4.16
N GLY A 103 5.15 16.49 -5.25
CA GLY A 103 4.25 15.89 -6.21
C GLY A 103 2.93 16.60 -6.38
N ALA A 104 2.74 17.69 -5.64
CA ALA A 104 1.53 18.50 -5.78
C ALA A 104 1.54 19.22 -7.12
N ILE A 105 0.38 19.61 -7.60
CA ILE A 105 0.27 20.25 -8.91
C ILE A 105 -0.19 21.71 -8.80
N CYS A 106 0.58 22.61 -9.39
CA CYS A 106 0.22 24.01 -9.43
C CYS A 106 -0.72 24.25 -10.59
N MET A 107 -1.94 23.72 -10.48
CA MET A 107 -2.91 23.76 -11.57
C MET A 107 -4.11 24.63 -11.20
N GLU A 108 -4.69 25.28 -12.21
CA GLU A 108 -5.81 26.20 -12.00
C GLU A 108 -7.02 25.51 -11.35
N LEU A 109 -7.63 24.60 -12.09
CA LEU A 109 -8.87 23.97 -11.64
C LEU A 109 -8.74 23.29 -10.28
N LEU A 110 -7.51 22.98 -9.86
CA LEU A 110 -7.29 22.33 -8.58
C LEU A 110 -7.30 23.31 -7.42
N THR A 111 -7.70 24.55 -7.71
CA THR A 111 -7.78 25.58 -6.69
C THR A 111 -9.23 25.87 -6.33
N LYS A 112 -9.43 26.53 -5.19
CA LYS A 112 -10.78 26.91 -4.78
C LYS A 112 -11.24 28.18 -5.49
N GLN A 113 -10.67 28.43 -6.66
CA GLN A 113 -11.02 29.60 -7.46
C GLN A 113 -11.06 29.27 -8.95
N GLY A 114 -10.87 27.99 -9.27
CA GLY A 114 -10.91 27.54 -10.65
C GLY A 114 -11.61 26.21 -10.81
N TRP A 115 -12.09 25.66 -9.70
CA TRP A 115 -12.79 24.38 -9.71
C TRP A 115 -14.31 24.55 -9.81
N SER A 116 -14.96 23.60 -10.47
CA SER A 116 -16.40 23.61 -10.60
C SER A 116 -16.98 22.21 -10.41
N SER A 117 -18.06 22.13 -9.63
CA SER A 117 -18.71 20.86 -9.36
C SER A 117 -19.18 20.20 -10.67
N ALA A 118 -19.19 20.99 -11.73
CA ALA A 118 -19.60 20.50 -13.04
C ALA A 118 -18.48 19.74 -13.73
N TYR A 119 -17.24 20.18 -13.52
CA TYR A 119 -16.08 19.52 -14.10
C TYR A 119 -16.12 18.02 -13.83
N SER A 120 -15.74 17.22 -14.82
CA SER A 120 -15.69 15.78 -14.67
C SER A 120 -14.31 15.34 -14.25
N ILE A 121 -14.22 14.21 -13.56
CA ILE A 121 -12.92 13.65 -13.21
C ILE A 121 -12.24 13.16 -14.48
N GLU A 122 -13.06 12.83 -15.48
CA GLU A 122 -12.55 12.42 -16.77
C GLU A 122 -11.78 13.58 -17.39
N SER A 123 -12.22 14.79 -17.09
CA SER A 123 -11.61 16.00 -17.66
C SER A 123 -10.40 16.47 -16.87
N VAL A 124 -10.50 16.50 -15.54
CA VAL A 124 -9.40 16.95 -14.70
C VAL A 124 -8.17 16.08 -14.92
N ILE A 125 -8.38 14.81 -15.24
CA ILE A 125 -7.28 13.92 -15.57
C ILE A 125 -6.57 14.40 -16.84
N MET A 126 -7.37 14.72 -17.85
CA MET A 126 -6.84 15.17 -19.13
C MET A 126 -6.18 16.54 -19.00
N GLN A 127 -6.77 17.42 -18.19
CA GLN A 127 -6.19 18.73 -17.95
C GLN A 127 -4.84 18.59 -17.26
N ILE A 128 -4.68 17.56 -16.45
CA ILE A 128 -3.41 17.26 -15.80
C ILE A 128 -2.43 16.74 -16.85
N SER A 129 -2.90 15.83 -17.70
CA SER A 129 -2.07 15.29 -18.77
C SER A 129 -1.62 16.41 -19.69
N ALA A 130 -2.44 17.44 -19.81
CA ALA A 130 -2.14 18.59 -20.65
C ALA A 130 -1.22 19.57 -19.93
N THR A 131 -1.60 19.96 -18.72
CA THR A 131 -0.79 20.88 -17.92
C THR A 131 0.65 20.39 -17.81
N LEU A 132 0.82 19.09 -17.65
CA LEU A 132 2.15 18.49 -17.58
C LEU A 132 2.92 18.73 -18.86
N VAL A 133 2.24 18.57 -19.99
CA VAL A 133 2.87 18.77 -21.30
C VAL A 133 3.12 20.24 -21.62
N LYS A 134 2.12 21.08 -21.36
CA LYS A 134 2.27 22.51 -21.58
C LYS A 134 3.43 23.08 -20.77
N GLY A 135 3.63 22.57 -19.57
CA GLY A 135 4.73 22.99 -18.73
C GLY A 135 6.03 22.27 -19.05
N LYS A 136 6.05 21.61 -20.21
CA LYS A 136 7.22 20.85 -20.66
C LYS A 136 7.84 20.04 -19.54
N ALA A 137 7.05 19.12 -18.97
CA ALA A 137 7.51 18.27 -17.87
C ALA A 137 8.53 17.25 -18.36
N ARG A 138 9.49 16.93 -17.51
CA ARG A 138 10.52 15.95 -17.83
C ARG A 138 10.75 15.02 -16.65
N VAL A 139 11.16 13.78 -16.95
CA VAL A 139 11.41 12.79 -15.91
C VAL A 139 12.79 12.97 -15.29
N GLN A 140 12.81 13.28 -13.99
CA GLN A 140 14.07 13.38 -13.25
C GLN A 140 14.59 11.97 -12.99
N PHE A 141 15.35 11.43 -13.94
CA PHE A 141 15.80 10.05 -13.88
C PHE A 141 16.76 9.75 -12.74
N GLY A 142 17.09 10.77 -11.94
CA GLY A 142 17.99 10.59 -10.82
C GLY A 142 17.30 10.25 -9.52
N ALA A 143 16.39 11.13 -9.09
CA ALA A 143 15.74 11.00 -7.79
C ALA A 143 14.92 9.72 -7.65
N ASN A 144 14.87 9.20 -6.42
CA ASN A 144 14.04 8.05 -6.11
C ASN A 144 12.61 8.50 -5.81
N LYS A 145 11.66 7.58 -5.93
CA LYS A 145 10.24 7.89 -5.75
C LYS A 145 9.93 8.47 -4.37
N SER A 146 10.79 8.21 -3.40
CA SER A 146 10.61 8.73 -2.05
C SER A 146 10.57 10.26 -2.05
N GLN A 147 11.08 10.85 -3.13
CA GLN A 147 11.02 12.30 -3.33
C GLN A 147 9.58 12.78 -3.31
N TYR A 148 8.68 11.97 -3.87
CA TYR A 148 7.26 12.30 -3.91
C TYR A 148 6.47 11.54 -2.85
N SER A 149 5.96 12.28 -1.87
CA SER A 149 5.14 11.70 -0.80
C SER A 149 3.93 12.57 -0.56
N LEU A 150 2.84 11.95 -0.09
CA LEU A 150 1.65 12.71 0.26
C LEU A 150 2.00 13.79 1.26
N THR A 151 2.91 13.46 2.18
CA THR A 151 3.38 14.41 3.18
C THR A 151 3.98 15.62 2.49
N ARG A 152 4.91 15.39 1.56
CA ARG A 152 5.57 16.47 0.85
C ARG A 152 4.61 17.22 -0.08
N ALA A 153 3.55 16.55 -0.49
CA ALA A 153 2.56 17.14 -1.39
C ALA A 153 1.62 18.07 -0.65
N GLN A 154 1.23 17.69 0.57
CA GLN A 154 0.31 18.47 1.37
C GLN A 154 0.90 19.82 1.77
N GLN A 155 2.00 19.80 2.50
CA GLN A 155 2.65 21.02 2.96
C GLN A 155 3.05 21.92 1.81
N SER A 156 3.37 21.31 0.67
CA SER A 156 3.69 22.07 -0.54
C SER A 156 2.44 22.80 -1.03
N TYR A 157 1.40 22.04 -1.32
CA TYR A 157 0.13 22.61 -1.75
C TYR A 157 -0.36 23.61 -0.71
N LYS A 158 0.00 23.36 0.53
CA LYS A 158 -0.38 24.25 1.63
C LYS A 158 0.14 25.66 1.37
N SER A 159 1.45 25.78 1.25
CA SER A 159 2.08 27.07 1.00
C SER A 159 1.53 27.73 -0.26
N LEU A 160 1.23 26.91 -1.26
CA LEU A 160 0.66 27.40 -2.52
C LEU A 160 -0.54 28.31 -2.27
N VAL A 161 -1.46 27.84 -1.42
CA VAL A 161 -2.67 28.59 -1.11
C VAL A 161 -2.36 29.84 -0.29
N GLY B 3 -11.31 -6.63 -7.45
CA GLY B 3 -10.44 -5.59 -8.00
C GLY B 3 -10.30 -5.69 -9.50
N SER B 4 -11.43 -5.75 -10.20
CA SER B 4 -11.43 -5.85 -11.67
C SER B 4 -12.48 -4.91 -12.27
N VAL B 5 -12.08 -4.22 -13.34
CA VAL B 5 -12.98 -3.28 -14.01
C VAL B 5 -14.37 -3.88 -14.18
N GLN B 6 -14.42 -5.17 -14.48
CA GLN B 6 -15.68 -5.87 -14.65
C GLN B 6 -16.51 -5.81 -13.38
N ALA B 7 -15.92 -6.27 -12.28
CA ALA B 7 -16.61 -6.34 -11.00
C ALA B 7 -16.99 -4.97 -10.45
N THR B 8 -15.99 -4.10 -10.28
CA THR B 8 -16.22 -2.78 -9.70
C THR B 8 -17.27 -1.97 -10.47
N ASP B 9 -17.27 -2.10 -11.79
CA ASP B 9 -18.27 -1.44 -12.61
C ASP B 9 -19.66 -1.95 -12.24
N ARG B 10 -19.78 -3.28 -12.13
CA ARG B 10 -21.04 -3.93 -11.78
C ARG B 10 -21.54 -3.52 -10.39
N LEU B 11 -20.63 -3.47 -9.43
CA LEU B 11 -20.96 -3.09 -8.06
C LEU B 11 -21.44 -1.65 -7.99
N MET B 12 -20.79 -0.77 -8.73
CA MET B 12 -21.17 0.63 -8.76
C MET B 12 -22.55 0.80 -9.36
N LYS B 13 -22.89 -0.07 -10.30
CA LYS B 13 -24.23 -0.09 -10.87
C LYS B 13 -25.24 -0.49 -9.79
N GLU B 14 -24.99 -1.64 -9.17
CA GLU B 14 -25.89 -2.17 -8.15
C GLU B 14 -26.14 -1.19 -7.00
N LEU B 15 -25.11 -0.43 -6.63
CA LEU B 15 -25.24 0.49 -5.51
C LEU B 15 -26.02 1.74 -5.90
N ARG B 16 -25.69 2.30 -7.07
CA ARG B 16 -26.41 3.47 -7.55
C ARG B 16 -27.87 3.12 -7.81
N ASP B 17 -28.11 1.87 -8.19
CA ASP B 17 -29.47 1.37 -8.36
C ASP B 17 -30.22 1.44 -7.04
N ILE B 18 -29.59 0.93 -5.99
CA ILE B 18 -30.16 0.97 -4.65
C ILE B 18 -30.48 2.41 -4.23
N TYR B 19 -29.57 3.32 -4.55
CA TYR B 19 -29.71 4.72 -4.17
C TYR B 19 -30.97 5.36 -4.76
N ARG B 20 -31.52 4.76 -5.80
CA ARG B 20 -32.71 5.30 -6.45
C ARG B 20 -33.87 4.30 -6.47
N SER B 21 -33.69 3.18 -5.77
CA SER B 21 -34.76 2.21 -5.63
C SER B 21 -35.78 2.68 -4.61
N GLN B 22 -37.03 2.26 -4.76
CA GLN B 22 -38.09 2.72 -3.88
C GLN B 22 -37.91 2.20 -2.46
N SER B 23 -37.44 0.97 -2.32
CA SER B 23 -37.25 0.36 -1.01
C SER B 23 -36.23 1.14 -0.18
N PHE B 24 -35.06 1.39 -0.76
CA PHE B 24 -34.02 2.17 -0.10
C PHE B 24 -34.48 3.60 0.15
N LYS B 25 -35.11 4.20 -0.87
CA LYS B 25 -35.61 5.56 -0.75
C LYS B 25 -36.67 5.67 0.34
N GLY B 26 -37.34 4.56 0.61
CA GLY B 26 -38.35 4.52 1.65
C GLY B 26 -37.75 4.56 3.05
N GLY B 27 -36.50 4.12 3.15
CA GLY B 27 -35.82 4.09 4.44
C GLY B 27 -35.90 2.74 5.11
N ASN B 28 -36.10 1.69 4.32
CA ASN B 28 -36.14 0.33 4.84
C ASN B 28 -34.77 -0.12 5.31
N TYR B 29 -33.75 0.16 4.51
CA TYR B 29 -32.38 -0.22 4.84
C TYR B 29 -31.40 0.90 4.51
N ALA B 30 -30.21 0.82 5.08
CA ALA B 30 -29.15 1.78 4.82
C ALA B 30 -27.90 1.04 4.37
N VAL B 31 -27.12 1.66 3.48
CA VAL B 31 -25.91 1.04 2.97
C VAL B 31 -24.68 1.88 3.29
N GLU B 32 -23.70 1.25 3.94
CA GLU B 32 -22.47 1.93 4.32
C GLU B 32 -21.25 1.13 3.86
N LEU B 33 -20.43 1.74 3.01
CA LEU B 33 -19.19 1.12 2.57
C LEU B 33 -18.22 1.09 3.73
N VAL B 34 -17.87 -0.11 4.19
CA VAL B 34 -16.93 -0.23 5.30
C VAL B 34 -15.51 0.11 4.84
N ASN B 35 -14.92 1.11 5.48
CA ASN B 35 -13.60 1.60 5.10
C ASN B 35 -13.57 2.09 3.66
N ASP B 36 -14.66 2.73 3.24
CA ASP B 36 -14.79 3.27 1.89
C ASP B 36 -14.71 2.17 0.82
N SER B 37 -14.57 0.93 1.26
CA SER B 37 -14.44 -0.20 0.34
C SER B 37 -15.68 -0.36 -0.51
N LEU B 38 -15.49 -0.50 -1.81
CA LEU B 38 -16.59 -0.67 -2.74
C LEU B 38 -16.97 -2.15 -2.84
N TYR B 39 -16.17 -2.99 -2.20
CA TYR B 39 -16.37 -4.43 -2.24
C TYR B 39 -16.88 -5.00 -0.92
N ASP B 40 -17.09 -4.13 0.05
CA ASP B 40 -17.53 -4.54 1.38
C ASP B 40 -18.62 -3.61 1.91
N TRP B 41 -19.83 -4.12 2.02
CA TRP B 41 -20.99 -3.31 2.40
C TRP B 41 -21.49 -3.67 3.79
N ASN B 42 -21.89 -2.66 4.55
CA ASN B 42 -22.66 -2.85 5.76
C ASN B 42 -24.09 -2.40 5.56
N VAL B 43 -25.00 -3.37 5.49
CA VAL B 43 -26.40 -3.09 5.24
C VAL B 43 -27.23 -3.22 6.52
N LYS B 44 -27.72 -2.08 7.00
CA LYS B 44 -28.55 -2.07 8.20
C LYS B 44 -30.02 -2.17 7.83
N LEU B 45 -30.67 -3.26 8.25
CA LEU B 45 -32.09 -3.44 8.04
C LEU B 45 -32.85 -2.62 9.08
N LEU B 46 -33.38 -1.47 8.66
CA LEU B 46 -34.02 -0.54 9.58
C LEU B 46 -35.51 -0.82 9.74
N LYS B 47 -36.16 -1.22 8.65
CA LYS B 47 -37.59 -1.51 8.68
C LYS B 47 -37.89 -2.97 8.40
N VAL B 48 -38.64 -3.60 9.30
CA VAL B 48 -39.14 -4.94 9.09
C VAL B 48 -40.66 -4.93 9.27
N ASP B 49 -41.32 -5.95 8.76
CA ASP B 49 -42.77 -6.04 8.87
C ASP B 49 -43.24 -5.88 10.31
N GLN B 50 -44.17 -4.95 10.53
CA GLN B 50 -44.68 -4.68 11.87
C GLN B 50 -45.51 -5.84 12.40
N ASP B 51 -46.05 -6.63 11.49
CA ASP B 51 -46.80 -7.83 11.85
C ASP B 51 -45.87 -8.93 12.29
N SER B 52 -44.60 -8.58 12.50
CA SER B 52 -43.57 -9.55 12.86
C SER B 52 -43.18 -9.43 14.33
N ALA B 53 -42.75 -10.55 14.90
CA ALA B 53 -42.27 -10.57 16.27
C ALA B 53 -40.87 -9.98 16.33
N LEU B 54 -40.11 -10.19 15.26
CA LEU B 54 -38.78 -9.59 15.14
C LEU B 54 -38.88 -8.08 15.20
N HIS B 55 -39.90 -7.52 14.56
CA HIS B 55 -40.15 -6.09 14.60
C HIS B 55 -40.21 -5.61 16.05
N ASN B 56 -40.97 -6.32 16.87
CA ASN B 56 -41.10 -5.98 18.27
C ASN B 56 -39.78 -6.21 19.02
N ASP B 57 -39.02 -7.20 18.59
CA ASP B 57 -37.73 -7.50 19.21
C ASP B 57 -36.72 -6.39 18.93
N LEU B 58 -36.86 -5.76 17.77
CA LEU B 58 -35.95 -4.67 17.38
C LEU B 58 -36.32 -3.38 18.09
N GLN B 59 -37.61 -3.17 18.33
CA GLN B 59 -38.06 -2.01 19.09
C GLN B 59 -37.65 -2.15 20.55
N ILE B 60 -37.59 -3.39 21.02
CA ILE B 60 -37.06 -3.68 22.34
C ILE B 60 -35.58 -3.33 22.35
N LEU B 61 -34.86 -3.86 21.36
CA LEU B 61 -33.44 -3.59 21.21
C LEU B 61 -33.19 -2.10 21.06
N LYS B 62 -34.08 -1.45 20.31
CA LYS B 62 -33.99 -0.01 20.03
C LYS B 62 -33.93 0.83 21.31
N GLU B 63 -34.86 0.61 22.22
CA GLU B 63 -34.90 1.36 23.47
C GLU B 63 -33.82 0.91 24.44
N LYS B 64 -33.58 -0.40 24.46
CA LYS B 64 -32.59 -0.99 25.36
C LYS B 64 -31.19 -0.48 25.06
N GLU B 65 -30.65 -0.92 23.92
CA GLU B 65 -29.25 -0.62 23.58
C GLU B 65 -29.08 0.18 22.29
N GLY B 66 -30.03 1.06 22.01
CA GLY B 66 -29.91 1.99 20.90
C GLY B 66 -30.09 1.42 19.51
N ALA B 67 -29.75 0.14 19.35
CA ALA B 67 -29.80 -0.51 18.04
C ALA B 67 -31.21 -0.95 17.65
N ASP B 68 -31.78 -0.30 16.63
CA ASP B 68 -33.10 -0.65 16.14
C ASP B 68 -32.98 -1.36 14.78
N PHE B 69 -31.76 -1.75 14.42
CA PHE B 69 -31.51 -2.30 13.10
C PHE B 69 -30.77 -3.64 13.12
N ILE B 70 -30.95 -4.39 12.04
CA ILE B 70 -30.22 -5.64 11.83
C ILE B 70 -29.05 -5.40 10.88
N LEU B 71 -27.84 -5.53 11.38
CA LEU B 71 -26.64 -5.26 10.60
C LEU B 71 -26.15 -6.47 9.82
N LEU B 72 -26.26 -6.41 8.50
CA LEU B 72 -25.74 -7.46 7.63
C LEU B 72 -24.42 -7.01 7.02
N ASN B 73 -23.59 -7.97 6.61
CA ASN B 73 -22.31 -7.67 5.97
C ASN B 73 -22.14 -8.37 4.63
N PHE B 74 -22.02 -7.59 3.57
CA PHE B 74 -21.80 -8.10 2.23
C PHE B 74 -20.34 -7.89 1.80
N SER B 75 -19.70 -8.95 1.33
CA SER B 75 -18.33 -8.83 0.83
C SER B 75 -18.19 -9.53 -0.53
N PHE B 76 -18.01 -8.74 -1.57
CA PHE B 76 -17.93 -9.26 -2.94
C PHE B 76 -16.48 -9.37 -3.38
N LYS B 77 -15.56 -9.25 -2.43
CA LYS B 77 -14.14 -9.09 -2.74
C LYS B 77 -13.53 -10.20 -3.62
N ASP B 78 -14.07 -11.41 -3.54
CA ASP B 78 -13.45 -12.52 -4.25
C ASP B 78 -14.05 -12.79 -5.63
N ASN B 79 -15.14 -13.56 -5.68
CA ASN B 79 -15.73 -13.95 -6.95
C ASN B 79 -17.20 -13.57 -7.10
N PHE B 80 -17.47 -12.29 -7.32
CA PHE B 80 -18.81 -11.82 -7.62
C PHE B 80 -18.80 -11.14 -8.99
N PRO B 81 -19.90 -11.26 -9.75
CA PRO B 81 -21.13 -12.00 -9.45
C PRO B 81 -21.07 -13.45 -9.90
N PHE B 82 -19.87 -14.00 -10.00
CA PHE B 82 -19.67 -15.38 -10.40
C PHE B 82 -20.14 -16.32 -9.30
N ASP B 83 -19.57 -16.14 -8.11
CA ASP B 83 -20.03 -16.81 -6.90
C ASP B 83 -21.02 -15.90 -6.20
N PRO B 84 -21.83 -16.45 -5.28
CA PRO B 84 -22.76 -15.63 -4.51
C PRO B 84 -22.01 -14.65 -3.63
N PRO B 85 -22.68 -13.57 -3.19
CA PRO B 85 -22.04 -12.67 -2.22
C PRO B 85 -21.88 -13.38 -0.89
N PHE B 86 -20.89 -12.97 -0.11
CA PHE B 86 -20.69 -13.54 1.22
C PHE B 86 -21.45 -12.72 2.26
N VAL B 87 -22.71 -13.08 2.48
CA VAL B 87 -23.56 -12.35 3.41
C VAL B 87 -23.58 -13.03 4.77
N ARG B 88 -23.33 -12.23 5.80
CA ARG B 88 -23.38 -12.72 7.18
C ARG B 88 -24.03 -11.68 8.08
N VAL B 89 -24.80 -12.14 9.05
CA VAL B 89 -25.39 -11.25 10.04
C VAL B 89 -24.36 -10.96 11.12
N VAL B 90 -24.07 -9.68 11.34
CA VAL B 90 -23.10 -9.27 12.34
C VAL B 90 -23.76 -9.13 13.71
N SER B 91 -24.99 -8.65 13.69
CA SER B 91 -25.76 -8.46 14.91
C SER B 91 -27.15 -7.94 14.56
N PRO B 92 -28.15 -8.23 15.41
CA PRO B 92 -27.99 -8.98 16.65
C PRO B 92 -27.92 -10.47 16.37
N VAL B 93 -27.79 -11.28 17.41
CA VAL B 93 -27.86 -12.73 17.24
C VAL B 93 -29.31 -13.11 17.00
N LEU B 94 -29.56 -13.89 15.96
CA LEU B 94 -30.92 -14.28 15.60
C LEU B 94 -31.10 -15.79 15.57
N SER B 95 -32.32 -16.24 15.83
CA SER B 95 -32.66 -17.65 15.69
C SER B 95 -33.85 -17.79 14.74
N GLY B 96 -33.70 -18.62 13.72
CA GLY B 96 -34.68 -18.72 12.66
C GLY B 96 -34.27 -17.83 11.50
N GLY B 97 -35.04 -17.83 10.44
CA GLY B 97 -34.73 -17.04 9.27
C GLY B 97 -33.46 -17.54 8.60
N TYR B 98 -33.05 -18.76 8.95
CA TYR B 98 -31.92 -19.44 8.32
C TYR B 98 -30.56 -18.83 8.69
N VAL B 99 -30.49 -18.16 9.83
CA VAL B 99 -29.25 -17.57 10.29
C VAL B 99 -28.47 -18.54 11.18
N LEU B 100 -27.30 -18.98 10.70
CA LEU B 100 -26.51 -20.01 11.38
C LEU B 100 -25.82 -19.51 12.64
N GLY B 101 -25.34 -20.45 13.45
CA GLY B 101 -24.70 -20.13 14.72
C GLY B 101 -23.60 -19.09 14.62
N GLY B 102 -22.81 -19.17 13.55
CA GLY B 102 -21.74 -18.23 13.32
C GLY B 102 -22.21 -16.90 12.76
N GLY B 103 -23.39 -16.91 12.17
CA GLY B 103 -23.97 -15.69 11.60
C GLY B 103 -24.23 -15.78 10.12
N ALA B 104 -23.78 -16.88 9.50
CA ALA B 104 -24.01 -17.09 8.07
C ALA B 104 -25.48 -17.32 7.78
N ILE B 105 -25.85 -17.26 6.51
CA ILE B 105 -27.24 -17.45 6.11
C ILE B 105 -27.37 -18.61 5.13
N CYS B 106 -28.18 -19.60 5.51
CA CYS B 106 -28.31 -20.82 4.71
C CYS B 106 -29.54 -20.81 3.79
N MET B 107 -29.63 -19.79 2.95
CA MET B 107 -30.67 -19.72 1.93
C MET B 107 -30.13 -20.33 0.64
N GLU B 108 -30.98 -21.02 -0.10
CA GLU B 108 -30.57 -21.63 -1.35
C GLU B 108 -30.08 -20.57 -2.33
N LEU B 109 -30.46 -19.32 -2.09
CA LEU B 109 -30.06 -18.20 -2.94
C LEU B 109 -28.57 -17.89 -2.84
N LEU B 110 -28.05 -17.92 -1.61
CA LEU B 110 -26.66 -17.54 -1.36
C LEU B 110 -25.69 -18.71 -1.55
N THR B 111 -26.14 -19.73 -2.28
CA THR B 111 -25.30 -20.89 -2.56
C THR B 111 -25.03 -21.00 -4.06
N LYS B 112 -23.92 -21.62 -4.43
CA LYS B 112 -23.58 -21.81 -5.83
C LYS B 112 -24.70 -22.49 -6.59
N GLN B 113 -25.51 -23.29 -5.88
CA GLN B 113 -26.58 -24.05 -6.49
C GLN B 113 -27.79 -23.17 -6.84
N GLY B 114 -28.07 -22.18 -6.00
CA GLY B 114 -29.22 -21.33 -6.21
C GLY B 114 -28.89 -19.90 -6.54
N TRP B 115 -27.62 -19.62 -6.84
CA TRP B 115 -27.19 -18.28 -7.18
C TRP B 115 -27.17 -18.04 -8.68
N SER B 116 -27.39 -16.78 -9.07
CA SER B 116 -27.30 -16.38 -10.47
C SER B 116 -26.63 -15.01 -10.56
N SER B 117 -25.83 -14.81 -11.59
CA SER B 117 -25.11 -13.57 -11.78
C SER B 117 -26.05 -12.43 -12.15
N ALA B 118 -27.27 -12.78 -12.53
CA ALA B 118 -28.27 -11.80 -12.97
C ALA B 118 -28.94 -11.09 -11.80
N TYR B 119 -29.05 -11.77 -10.66
CA TYR B 119 -29.72 -11.21 -9.49
C TYR B 119 -29.07 -9.92 -9.02
N SER B 120 -29.89 -8.96 -8.61
CA SER B 120 -29.39 -7.68 -8.12
C SER B 120 -29.13 -7.73 -6.62
N ILE B 121 -28.42 -6.73 -6.11
CA ILE B 121 -28.10 -6.66 -4.69
C ILE B 121 -29.29 -6.19 -3.86
N GLU B 122 -29.97 -5.14 -4.34
CA GLU B 122 -31.18 -4.68 -3.68
C GLU B 122 -32.17 -5.82 -3.59
N SER B 123 -32.16 -6.68 -4.61
CA SER B 123 -32.99 -7.88 -4.62
C SER B 123 -32.65 -8.77 -3.43
N VAL B 124 -31.36 -9.08 -3.28
CA VAL B 124 -30.88 -9.92 -2.19
C VAL B 124 -31.26 -9.33 -0.84
N ILE B 125 -31.02 -8.03 -0.66
CA ILE B 125 -31.28 -7.36 0.60
C ILE B 125 -32.73 -7.55 1.07
N MET B 126 -33.67 -7.44 0.14
CA MET B 126 -35.09 -7.55 0.48
C MET B 126 -35.53 -9.01 0.58
N GLN B 127 -34.93 -9.87 -0.24
CA GLN B 127 -35.19 -11.31 -0.15
C GLN B 127 -34.64 -11.85 1.16
N ILE B 128 -33.61 -11.19 1.69
CA ILE B 128 -33.05 -11.53 2.99
C ILE B 128 -34.02 -11.10 4.07
N SER B 129 -34.49 -9.85 3.98
CA SER B 129 -35.39 -9.30 4.97
C SER B 129 -36.69 -10.10 5.07
N ALA B 130 -37.21 -10.51 3.93
CA ALA B 130 -38.45 -11.28 3.89
C ALA B 130 -38.31 -12.61 4.61
N THR B 131 -37.29 -13.37 4.24
CA THR B 131 -37.07 -14.70 4.82
C THR B 131 -36.80 -14.63 6.33
N LEU B 132 -36.34 -13.47 6.80
CA LEU B 132 -36.15 -13.28 8.23
C LEU B 132 -37.50 -13.22 8.92
N VAL B 133 -38.48 -12.62 8.25
CA VAL B 133 -39.84 -12.55 8.76
C VAL B 133 -40.56 -13.88 8.56
N LYS B 134 -40.40 -14.46 7.37
CA LYS B 134 -41.04 -15.73 7.04
C LYS B 134 -40.53 -16.86 7.93
N GLY B 135 -39.24 -16.85 8.23
CA GLY B 135 -38.64 -17.88 9.07
C GLY B 135 -38.83 -17.58 10.54
N LYS B 136 -39.75 -16.68 10.85
CA LYS B 136 -40.02 -16.28 12.22
C LYS B 136 -38.74 -16.10 13.03
N ALA B 137 -37.84 -15.26 12.52
CA ALA B 137 -36.60 -14.95 13.20
C ALA B 137 -36.87 -14.13 14.46
N ARG B 138 -36.07 -14.37 15.50
CA ARG B 138 -36.25 -13.66 16.77
C ARG B 138 -34.89 -13.25 17.35
N VAL B 139 -34.89 -12.15 18.08
CA VAL B 139 -33.65 -11.64 18.69
C VAL B 139 -33.29 -12.42 19.96
N GLN B 140 -32.14 -13.09 19.93
CA GLN B 140 -31.64 -13.82 21.09
C GLN B 140 -31.04 -12.85 22.10
N PHE B 141 -31.89 -12.30 22.96
CA PHE B 141 -31.47 -11.25 23.88
C PHE B 141 -30.42 -11.73 24.88
N GLY B 142 -30.39 -13.04 25.14
CA GLY B 142 -29.45 -13.60 26.08
C GLY B 142 -28.17 -14.07 25.42
N ALA B 143 -28.13 -14.02 24.10
CA ALA B 143 -27.00 -14.53 23.33
C ALA B 143 -25.72 -13.75 23.57
N ASN B 144 -24.59 -14.45 23.53
CA ASN B 144 -23.29 -13.83 23.61
C ASN B 144 -22.94 -13.17 22.28
N LYS B 145 -22.32 -11.99 22.34
CA LYS B 145 -21.99 -11.26 21.13
C LYS B 145 -20.79 -11.88 20.43
N SER B 146 -19.98 -12.62 21.19
CA SER B 146 -18.83 -13.32 20.63
C SER B 146 -19.29 -14.50 19.77
N GLN B 147 -20.59 -14.77 19.83
CA GLN B 147 -21.18 -15.87 19.07
C GLN B 147 -20.96 -15.69 17.57
N TYR B 148 -21.44 -14.56 17.04
CA TYR B 148 -21.21 -14.23 15.65
C TYR B 148 -19.78 -13.75 15.42
N SER B 149 -19.17 -14.21 14.34
CA SER B 149 -17.81 -13.80 14.02
C SER B 149 -17.55 -13.91 12.52
N LEU B 150 -16.58 -13.13 12.04
CA LEU B 150 -16.18 -13.18 10.65
C LEU B 150 -15.51 -14.52 10.34
N THR B 151 -14.71 -15.00 11.28
CA THR B 151 -14.01 -16.26 11.13
C THR B 151 -14.97 -17.44 11.00
N ARG B 152 -15.96 -17.49 11.90
CA ARG B 152 -16.93 -18.58 11.91
C ARG B 152 -17.82 -18.52 10.67
N ALA B 153 -18.34 -17.34 10.38
CA ALA B 153 -19.25 -17.16 9.25
C ALA B 153 -18.59 -17.57 7.94
N GLN B 154 -17.36 -17.12 7.73
CA GLN B 154 -16.64 -17.39 6.49
C GLN B 154 -16.40 -18.89 6.32
N GLN B 155 -16.21 -19.59 7.43
CA GLN B 155 -16.07 -21.03 7.42
C GLN B 155 -17.29 -21.66 6.76
N SER B 156 -18.47 -21.18 7.14
CA SER B 156 -19.73 -21.67 6.58
C SER B 156 -19.87 -21.29 5.12
N TYR B 157 -19.46 -20.07 4.78
CA TYR B 157 -19.54 -19.59 3.41
C TYR B 157 -18.75 -20.47 2.46
N LYS B 158 -17.46 -20.66 2.77
CA LYS B 158 -16.57 -21.46 1.94
C LYS B 158 -17.05 -22.90 1.80
N SER B 159 -17.75 -23.40 2.82
CA SER B 159 -18.28 -24.76 2.78
C SER B 159 -19.54 -24.81 1.92
N LEU B 160 -20.30 -23.72 1.93
CA LEU B 160 -21.53 -23.62 1.16
C LEU B 160 -21.27 -23.36 -0.32
N VAL B 161 -20.16 -22.69 -0.62
CA VAL B 161 -19.83 -22.35 -1.99
C VAL B 161 -18.51 -22.97 -2.45
N GLN B 162 -18.04 -23.97 -1.70
CA GLN B 162 -16.77 -24.66 -1.97
C GLN B 162 -15.68 -23.78 -2.60
N ILE B 163 -15.21 -22.80 -1.83
CA ILE B 163 -14.05 -22.00 -2.23
C ILE B 163 -13.14 -21.75 -1.04
N SER C 4 23.08 8.60 5.76
CA SER C 4 23.20 7.90 4.49
C SER C 4 23.63 6.44 4.71
N VAL C 5 24.84 6.25 5.21
CA VAL C 5 25.33 4.91 5.53
C VAL C 5 25.17 4.64 7.02
N GLN C 6 25.35 5.70 7.81
CA GLN C 6 25.19 5.62 9.26
C GLN C 6 23.76 5.21 9.62
N ALA C 7 22.80 5.97 9.11
CA ALA C 7 21.39 5.68 9.38
C ALA C 7 21.00 4.32 8.85
N THR C 8 21.55 3.94 7.70
CA THR C 8 21.25 2.65 7.09
C THR C 8 21.77 1.49 7.93
N ASP C 9 23.02 1.59 8.36
CA ASP C 9 23.62 0.53 9.17
C ASP C 9 22.92 0.39 10.52
N ARG C 10 22.58 1.53 11.11
CA ARG C 10 21.88 1.55 12.39
C ARG C 10 20.51 0.89 12.30
N LEU C 11 19.85 1.09 11.17
CA LEU C 11 18.51 0.54 10.95
C LEU C 11 18.52 -0.98 10.82
N MET C 12 19.53 -1.51 10.11
CA MET C 12 19.64 -2.95 9.91
C MET C 12 20.05 -3.67 11.18
N LYS C 13 20.83 -2.99 12.01
CA LYS C 13 21.23 -3.52 13.30
C LYS C 13 20.00 -3.69 14.19
N GLU C 14 19.14 -2.67 14.19
CA GLU C 14 17.92 -2.69 14.99
C GLU C 14 16.98 -3.84 14.59
N LEU C 15 16.89 -4.09 13.29
CA LEU C 15 15.95 -5.08 12.77
C LEU C 15 16.43 -6.51 13.01
N ARG C 16 17.74 -6.73 12.95
CA ARG C 16 18.29 -8.04 13.22
C ARG C 16 18.32 -8.33 14.71
N ASP C 17 18.46 -7.27 15.51
CA ASP C 17 18.29 -7.38 16.95
C ASP C 17 16.90 -7.92 17.22
N ILE C 18 15.91 -7.26 16.64
CA ILE C 18 14.52 -7.63 16.79
C ILE C 18 14.27 -9.09 16.38
N TYR C 19 14.89 -9.51 15.28
CA TYR C 19 14.69 -10.86 14.77
C TYR C 19 15.25 -11.93 15.70
N ARG C 20 16.20 -11.54 16.55
N ARG C 20 16.20 -11.54 16.54
CA ARG C 20 16.85 -12.48 17.45
CA ARG C 20 16.85 -12.48 17.46
C ARG C 20 16.39 -12.28 18.89
C ARG C 20 16.40 -12.27 18.90
N SER C 21 15.51 -11.31 19.10
CA SER C 21 14.98 -11.01 20.42
C SER C 21 13.95 -12.04 20.85
N GLN C 22 13.85 -12.28 22.15
CA GLN C 22 12.89 -13.24 22.68
C GLN C 22 11.47 -12.70 22.60
N SER C 23 11.33 -11.38 22.58
CA SER C 23 10.02 -10.74 22.43
C SER C 23 9.43 -11.07 21.07
N PHE C 24 10.25 -10.95 20.04
CA PHE C 24 9.83 -11.26 18.67
C PHE C 24 9.67 -12.77 18.48
N LYS C 25 10.49 -13.54 19.19
CA LYS C 25 10.43 -15.00 19.11
C LYS C 25 9.18 -15.54 19.78
N GLY C 26 8.65 -14.78 20.73
CA GLY C 26 7.47 -15.18 21.47
C GLY C 26 6.20 -14.78 20.74
N GLY C 27 6.37 -13.99 19.67
CA GLY C 27 5.25 -13.55 18.87
C GLY C 27 4.56 -12.32 19.43
N ASN C 28 5.31 -11.48 20.15
CA ASN C 28 4.74 -10.25 20.70
C ASN C 28 4.44 -9.21 19.63
N TYR C 29 5.21 -9.25 18.54
CA TYR C 29 5.03 -8.30 17.47
C TYR C 29 5.74 -8.77 16.20
N ALA C 30 5.29 -8.30 15.05
CA ALA C 30 5.92 -8.64 13.78
C ALA C 30 6.42 -7.38 13.08
N VAL C 31 7.54 -7.50 12.37
CA VAL C 31 8.11 -6.38 11.65
C VAL C 31 8.05 -6.60 10.15
N GLU C 32 7.52 -5.64 9.43
CA GLU C 32 7.39 -5.71 7.98
C GLU C 32 7.84 -4.42 7.32
N LEU C 33 8.86 -4.52 6.47
CA LEU C 33 9.30 -3.37 5.69
C LEU C 33 8.32 -3.12 4.55
N VAL C 34 7.53 -2.05 4.69
CA VAL C 34 6.56 -1.73 3.65
C VAL C 34 7.27 -1.35 2.36
N ASN C 35 7.05 -2.15 1.32
CA ASN C 35 7.70 -1.94 0.02
C ASN C 35 9.21 -2.15 0.08
N ASP C 36 9.64 -3.11 0.88
CA ASP C 36 11.05 -3.44 1.03
C ASP C 36 11.86 -2.28 1.60
N SER C 37 11.17 -1.21 1.98
CA SER C 37 11.84 -0.02 2.47
C SER C 37 12.41 -0.22 3.87
N LEU C 38 13.68 0.12 4.03
CA LEU C 38 14.34 0.00 5.32
C LEU C 38 13.98 1.19 6.20
N TYR C 39 13.37 2.20 5.59
CA TYR C 39 13.05 3.45 6.28
C TYR C 39 11.57 3.57 6.62
N ASP C 40 10.81 2.50 6.44
CA ASP C 40 9.39 2.52 6.73
C ASP C 40 8.92 1.15 7.20
N TRP C 41 8.68 1.02 8.50
CA TRP C 41 8.30 -0.25 9.09
C TRP C 41 6.83 -0.30 9.45
N ASN C 42 6.19 -1.41 9.15
CA ASN C 42 4.90 -1.74 9.74
C ASN C 42 5.12 -2.74 10.86
N VAL C 43 4.77 -2.34 12.09
CA VAL C 43 4.95 -3.21 13.23
C VAL C 43 3.60 -3.64 13.79
N LYS C 44 3.31 -4.92 13.71
CA LYS C 44 2.07 -5.45 14.25
C LYS C 44 2.23 -5.92 15.69
N LEU C 45 1.67 -5.16 16.64
CA LEU C 45 1.59 -5.59 18.02
C LEU C 45 0.67 -6.80 18.11
N LEU C 46 1.15 -7.90 18.67
CA LEU C 46 0.40 -9.15 18.54
C LEU C 46 -0.19 -9.60 19.86
N LYS C 47 0.67 -9.68 20.87
CA LYS C 47 0.19 -10.06 22.21
C LYS C 47 1.12 -9.55 23.32
N VAL C 48 1.06 -8.28 23.65
CA VAL C 48 2.01 -7.77 24.64
C VAL C 48 1.25 -7.14 25.80
N ASP C 49 -0.01 -7.53 25.96
CA ASP C 49 -0.92 -6.85 26.90
C ASP C 49 -1.14 -7.65 28.17
N GLN C 50 -0.46 -7.27 29.25
CA GLN C 50 -0.39 -8.06 30.48
C GLN C 50 -1.76 -8.29 31.13
N ASP C 51 -2.36 -7.19 31.61
CA ASP C 51 -3.60 -7.21 32.39
C ASP C 51 -4.48 -6.08 31.92
N SER C 52 -4.75 -6.05 30.62
CA SER C 52 -5.50 -4.94 30.05
C SER C 52 -6.87 -5.37 29.50
N ALA C 53 -7.77 -4.40 29.34
CA ALA C 53 -9.04 -4.65 28.68
C ALA C 53 -8.83 -4.62 27.17
N LEU C 54 -7.77 -3.94 26.77
CA LEU C 54 -7.36 -3.88 25.37
C LEU C 54 -7.06 -5.29 24.88
N HIS C 55 -6.38 -6.06 25.71
CA HIS C 55 -6.09 -7.45 25.40
C HIS C 55 -7.35 -8.16 24.91
N ASN C 56 -8.32 -8.29 25.79
CA ASN C 56 -9.60 -8.89 25.43
C ASN C 56 -10.26 -8.13 24.28
N ASP C 57 -9.98 -6.84 24.20
CA ASP C 57 -10.57 -5.99 23.17
C ASP C 57 -9.81 -6.13 21.86
N LEU C 58 -9.13 -7.26 21.69
CA LEU C 58 -8.39 -7.52 20.46
C LEU C 58 -8.95 -8.72 19.70
N GLN C 59 -9.17 -9.83 20.41
CA GLN C 59 -9.76 -11.02 19.81
C GLN C 59 -11.15 -10.68 19.26
N ILE C 60 -11.69 -9.56 19.72
CA ILE C 60 -13.00 -9.10 19.27
C ILE C 60 -12.98 -8.76 17.79
N LEU C 61 -11.85 -8.26 17.31
CA LEU C 61 -11.71 -7.88 15.90
C LEU C 61 -11.85 -9.07 14.97
N LYS C 62 -11.05 -10.11 15.21
CA LYS C 62 -11.13 -11.31 14.39
C LYS C 62 -12.47 -12.01 14.59
N GLU C 63 -13.24 -11.51 15.55
CA GLU C 63 -14.55 -12.08 15.85
C GLU C 63 -15.64 -11.10 15.40
N LYS C 64 -15.20 -10.01 14.79
CA LYS C 64 -16.12 -8.99 14.28
C LYS C 64 -15.73 -8.66 12.84
N GLU C 65 -14.58 -8.01 12.69
CA GLU C 65 -14.06 -7.65 11.38
C GLU C 65 -12.55 -7.80 11.31
N GLY C 66 -12.07 -8.81 10.59
CA GLY C 66 -10.65 -8.97 10.32
C GLY C 66 -9.89 -9.86 11.27
N ALA C 67 -8.72 -9.39 11.71
CA ALA C 67 -7.86 -10.15 12.61
C ALA C 67 -7.51 -9.34 13.85
N ASP C 68 -6.69 -9.91 14.72
CA ASP C 68 -6.35 -9.27 15.98
C ASP C 68 -4.87 -8.87 16.06
N PHE C 69 -4.63 -7.57 16.01
CA PHE C 69 -3.29 -7.00 16.16
C PHE C 69 -3.35 -5.48 15.99
N ILE C 70 -2.52 -4.77 16.74
CA ILE C 70 -2.42 -3.33 16.60
C ILE C 70 -1.31 -2.99 15.61
N LEU C 71 -1.70 -2.46 14.45
CA LEU C 71 -0.74 -2.12 13.42
C LEU C 71 -0.13 -0.74 13.65
N LEU C 72 1.16 -0.72 13.96
CA LEU C 72 1.89 0.54 14.12
C LEU C 72 2.68 0.82 12.86
N ASN C 73 2.96 2.09 12.61
CA ASN C 73 3.77 2.48 11.46
C ASN C 73 4.96 3.34 11.86
N PHE C 74 6.17 2.83 11.64
CA PHE C 74 7.38 3.57 11.93
C PHE C 74 7.93 4.23 10.67
N SER C 75 8.27 5.52 10.77
CA SER C 75 8.92 6.22 9.68
C SER C 75 10.24 6.83 10.12
N PHE C 76 11.34 6.32 9.56
CA PHE C 76 12.68 6.74 10.00
C PHE C 76 13.31 7.73 9.03
N LYS C 77 12.52 8.27 8.12
CA LYS C 77 13.02 9.22 7.14
C LYS C 77 13.18 10.61 7.75
N ASP C 78 12.69 10.77 8.97
CA ASP C 78 12.71 12.07 9.64
C ASP C 78 13.81 12.19 10.70
N ASN C 79 15.03 12.45 10.25
CA ASN C 79 16.13 12.82 11.13
C ASN C 79 16.59 11.75 12.12
N PHE C 80 16.02 10.56 12.05
CA PHE C 80 16.49 9.46 12.91
C PHE C 80 17.92 9.11 12.53
N PRO C 81 18.75 8.74 13.52
CA PRO C 81 18.43 8.65 14.95
C PRO C 81 18.58 9.98 15.69
N PHE C 82 18.97 11.03 14.99
CA PHE C 82 19.08 12.35 15.60
C PHE C 82 17.77 12.69 16.30
N ASP C 83 16.69 12.73 15.53
CA ASP C 83 15.35 12.92 16.07
C ASP C 83 14.68 11.56 16.21
N PRO C 84 13.54 11.50 16.92
CA PRO C 84 12.82 10.23 17.08
C PRO C 84 12.23 9.75 15.76
N PRO C 85 11.79 8.49 15.70
CA PRO C 85 11.06 8.01 14.52
C PRO C 85 9.63 8.52 14.61
N PHE C 86 8.95 8.70 13.49
CA PHE C 86 7.56 9.07 13.54
C PHE C 86 6.69 7.82 13.59
N VAL C 87 6.19 7.50 14.78
CA VAL C 87 5.32 6.36 14.97
C VAL C 87 3.87 6.79 14.98
N ARG C 88 2.99 5.95 14.45
CA ARG C 88 1.58 6.24 14.42
C ARG C 88 0.77 4.95 14.42
N VAL C 89 -0.51 5.05 14.76
CA VAL C 89 -1.38 3.89 14.74
C VAL C 89 -2.18 3.85 13.44
N VAL C 90 -2.09 2.73 12.73
CA VAL C 90 -2.80 2.55 11.48
C VAL C 90 -4.17 1.92 11.74
N SER C 91 -4.18 0.93 12.62
CA SER C 91 -5.41 0.22 12.97
C SER C 91 -5.16 -0.65 14.18
N PRO C 92 -6.20 -0.87 15.01
CA PRO C 92 -7.55 -0.35 14.82
C PRO C 92 -7.70 1.04 15.44
N VAL C 93 -8.84 1.67 15.21
CA VAL C 93 -9.13 2.93 15.88
C VAL C 93 -9.15 2.71 17.39
N LEU C 94 -8.51 3.61 18.13
CA LEU C 94 -8.39 3.43 19.58
C LEU C 94 -8.80 4.67 20.37
N SER C 95 -9.44 4.44 21.51
CA SER C 95 -9.74 5.52 22.45
C SER C 95 -8.83 5.40 23.67
N GLY C 96 -8.31 6.53 24.13
CA GLY C 96 -7.35 6.53 25.22
C GLY C 96 -5.99 6.06 24.76
N GLY C 97 -5.21 5.49 25.67
CA GLY C 97 -3.89 4.99 25.35
C GLY C 97 -2.95 6.06 24.84
N TYR C 98 -3.25 7.31 25.20
CA TYR C 98 -2.43 8.45 24.79
C TYR C 98 -2.42 8.67 23.29
N VAL C 99 -3.25 7.90 22.57
CA VAL C 99 -3.36 8.04 21.14
C VAL C 99 -4.09 9.32 20.78
N LEU C 100 -3.52 10.10 19.87
CA LEU C 100 -4.12 11.35 19.42
C LEU C 100 -4.93 11.13 18.15
N GLY C 101 -5.57 12.19 17.68
CA GLY C 101 -6.32 12.13 16.45
C GLY C 101 -5.43 11.74 15.28
N GLY C 102 -5.95 10.92 14.37
CA GLY C 102 -5.20 10.51 13.21
C GLY C 102 -4.31 9.30 13.49
N GLY C 103 -4.03 9.05 14.76
CA GLY C 103 -3.25 7.89 15.14
C GLY C 103 -1.90 8.22 15.74
N ALA C 104 -1.54 9.49 15.76
CA ALA C 104 -0.29 9.90 16.39
C ALA C 104 -0.32 9.49 17.85
N ILE C 105 0.86 9.34 18.44
CA ILE C 105 0.93 8.92 19.84
C ILE C 105 1.56 9.98 20.72
N CYS C 106 0.83 10.40 21.75
CA CYS C 106 1.33 11.39 22.70
C CYS C 106 2.21 10.72 23.74
N MET C 107 3.40 10.31 23.31
CA MET C 107 4.33 9.63 24.20
C MET C 107 5.59 10.46 24.40
N GLU C 108 6.01 10.59 25.65
CA GLU C 108 7.22 11.35 26.00
C GLU C 108 8.40 10.86 25.18
N LEU C 109 8.43 9.55 24.93
CA LEU C 109 9.54 8.92 24.23
C LEU C 109 9.70 9.45 22.80
N LEU C 110 8.58 9.74 22.14
CA LEU C 110 8.61 10.23 20.76
C LEU C 110 8.76 11.74 20.71
N THR C 111 9.34 12.31 21.75
CA THR C 111 9.56 13.75 21.82
C THR C 111 11.04 14.07 22.00
N LYS C 112 11.38 15.35 21.85
CA LYS C 112 12.75 15.82 22.00
C LYS C 112 13.24 15.67 23.45
N GLN C 113 12.34 15.91 24.39
CA GLN C 113 12.70 15.83 25.80
C GLN C 113 12.81 14.39 26.29
N GLY C 114 12.22 13.46 25.53
CA GLY C 114 12.21 12.07 25.95
C GLY C 114 13.16 11.19 25.18
N TRP C 115 13.11 11.30 23.86
CA TRP C 115 13.89 10.43 22.98
C TRP C 115 15.39 10.55 23.17
N SER C 116 16.09 9.42 22.99
CA SER C 116 17.54 9.39 22.99
C SER C 116 18.01 8.39 21.95
N SER C 117 18.96 8.82 21.10
CA SER C 117 19.44 7.97 20.01
C SER C 117 20.08 6.69 20.53
N ALA C 118 20.03 6.48 21.83
CA ALA C 118 20.60 5.29 22.44
C ALA C 118 19.60 4.15 22.53
N TYR C 119 18.32 4.48 22.65
CA TYR C 119 17.27 3.47 22.77
C TYR C 119 17.19 2.60 21.51
N SER C 120 16.62 1.42 21.67
CA SER C 120 16.42 0.50 20.54
C SER C 120 14.98 0.59 20.03
N ILE C 121 14.77 0.20 18.79
CA ILE C 121 13.43 0.20 18.23
C ILE C 121 12.58 -0.85 18.94
N GLU C 122 13.23 -1.93 19.39
CA GLU C 122 12.53 -2.97 20.13
C GLU C 122 11.92 -2.39 21.39
N SER C 123 12.71 -1.63 22.13
CA SER C 123 12.24 -1.01 23.36
C SER C 123 11.13 0.01 23.04
N VAL C 124 11.25 0.67 21.90
CA VAL C 124 10.23 1.61 21.45
C VAL C 124 8.91 0.89 21.17
N ILE C 125 9.00 -0.30 20.58
CA ILE C 125 7.82 -1.10 20.28
C ILE C 125 7.12 -1.54 21.57
N MET C 126 7.88 -2.19 22.45
CA MET C 126 7.33 -2.69 23.71
C MET C 126 6.86 -1.55 24.61
N GLN C 127 7.52 -0.40 24.52
CA GLN C 127 7.15 0.75 25.32
C GLN C 127 5.82 1.35 24.86
N ILE C 128 5.60 1.33 23.55
CA ILE C 128 4.34 1.82 23.00
C ILE C 128 3.20 0.90 23.43
N SER C 129 3.49 -0.40 23.52
CA SER C 129 2.52 -1.36 24.03
C SER C 129 2.13 -1.00 25.46
N ALA C 130 3.15 -0.77 26.29
CA ALA C 130 2.95 -0.40 27.68
C ALA C 130 2.09 0.85 27.79
N THR C 131 2.47 1.89 27.06
CA THR C 131 1.74 3.16 27.09
C THR C 131 0.28 3.01 26.65
N LEU C 132 0.04 2.13 25.68
CA LEU C 132 -1.32 1.90 25.20
C LEU C 132 -2.16 1.27 26.29
N VAL C 133 -1.64 0.21 26.91
CA VAL C 133 -2.33 -0.46 28.00
C VAL C 133 -2.40 0.43 29.24
N LYS C 134 -1.28 1.03 29.60
CA LYS C 134 -1.19 1.95 30.72
C LYS C 134 -2.24 3.05 30.63
N GLY C 135 -2.53 3.51 29.41
CA GLY C 135 -3.53 4.54 29.20
C GLY C 135 -4.92 3.98 28.95
N LYS C 136 -5.12 2.72 29.32
CA LYS C 136 -6.40 2.04 29.15
C LYS C 136 -6.90 2.15 27.72
N ALA C 137 -6.13 1.62 26.78
CA ALA C 137 -6.50 1.68 25.36
C ALA C 137 -7.65 0.74 25.05
N ARG C 138 -8.61 1.21 24.26
CA ARG C 138 -9.76 0.42 23.86
C ARG C 138 -10.05 0.60 22.38
N VAL C 139 -10.57 -0.43 21.74
CA VAL C 139 -10.89 -0.37 20.33
C VAL C 139 -12.29 0.21 20.09
N GLN C 140 -12.35 1.37 19.43
CA GLN C 140 -13.62 1.97 19.07
C GLN C 140 -14.09 1.44 17.72
N PHE C 141 -15.03 0.51 17.76
CA PHE C 141 -15.45 -0.23 16.57
C PHE C 141 -16.26 0.60 15.58
N GLY C 142 -16.86 1.68 16.07
CA GLY C 142 -17.68 2.53 15.23
C GLY C 142 -16.95 3.13 14.05
N ALA C 143 -15.81 3.76 14.33
CA ALA C 143 -15.05 4.49 13.32
C ALA C 143 -14.34 3.56 12.33
N ASN C 144 -14.19 4.03 11.10
CA ASN C 144 -13.46 3.30 10.09
C ASN C 144 -11.97 3.61 10.17
N LYS C 145 -11.14 2.74 9.59
CA LYS C 145 -9.70 2.92 9.62
C LYS C 145 -9.25 4.15 8.84
N SER C 146 -10.15 4.69 8.01
CA SER C 146 -9.84 5.88 7.23
C SER C 146 -9.73 7.11 8.12
N GLN C 147 -10.09 6.95 9.38
CA GLN C 147 -9.97 8.01 10.37
C GLN C 147 -8.51 8.17 10.81
N TYR C 148 -7.77 7.08 10.77
CA TYR C 148 -6.34 7.11 11.08
C TYR C 148 -5.51 7.22 9.81
N SER C 149 -5.07 8.43 9.50
CA SER C 149 -4.22 8.66 8.33
C SER C 149 -2.88 9.23 8.78
N LEU C 150 -1.90 9.18 7.89
CA LEU C 150 -0.61 9.80 8.16
C LEU C 150 -0.76 11.31 8.11
N THR C 151 -1.55 11.78 7.15
CA THR C 151 -1.84 13.20 7.02
C THR C 151 -2.60 13.72 8.23
N ARG C 152 -3.35 12.83 8.87
CA ARG C 152 -4.11 13.20 10.06
C ARG C 152 -3.27 13.10 11.33
N ALA C 153 -2.41 12.10 11.38
CA ALA C 153 -1.57 11.85 12.55
C ALA C 153 -0.44 12.88 12.66
N GLN C 154 -0.13 13.54 11.55
CA GLN C 154 0.94 14.53 11.54
C GLN C 154 0.48 15.89 12.06
N GLN C 155 -0.72 16.30 11.65
CA GLN C 155 -1.28 17.56 12.13
C GLN C 155 -1.44 17.52 13.64
N SER C 156 -1.71 16.33 14.17
CA SER C 156 -1.87 16.13 15.61
C SER C 156 -0.54 16.26 16.33
N TYR C 157 0.48 15.56 15.83
CA TYR C 157 1.80 15.63 16.41
C TYR C 157 2.39 17.03 16.22
N LYS C 158 2.09 17.64 15.09
CA LYS C 158 2.59 18.99 14.80
C LYS C 158 1.96 19.99 15.76
N SER C 159 0.65 19.91 15.92
CA SER C 159 -0.05 20.80 16.84
C SER C 159 0.30 20.47 18.29
N LEU C 160 0.96 19.33 18.49
CA LEU C 160 1.38 18.90 19.81
C LEU C 160 2.56 19.73 20.30
N VAL C 161 3.59 19.85 19.46
CA VAL C 161 4.78 20.62 19.81
C VAL C 161 4.46 22.11 19.83
N GLN C 162 3.29 22.46 19.31
CA GLN C 162 2.82 23.85 19.29
C GLN C 162 2.78 24.41 20.71
N ILE C 163 2.84 23.51 21.69
CA ILE C 163 2.86 23.92 23.09
C ILE C 163 3.78 22.99 23.88
N HIS C 164 4.28 23.48 25.01
CA HIS C 164 5.20 22.73 25.85
C HIS C 164 6.25 22.00 25.02
N GLY D 3 8.51 -9.73 1.44
CA GLY D 3 9.50 -10.79 1.42
C GLY D 3 9.37 -11.75 2.60
N SER D 4 10.50 -12.17 3.15
CA SER D 4 10.51 -13.09 4.27
C SER D 4 11.61 -12.72 5.26
N VAL D 5 11.35 -12.96 6.55
CA VAL D 5 12.32 -12.68 7.59
C VAL D 5 13.68 -13.28 7.25
N GLN D 6 13.66 -14.47 6.66
CA GLN D 6 14.87 -15.18 6.29
C GLN D 6 15.69 -14.35 5.31
N ALA D 7 15.04 -13.88 4.26
CA ALA D 7 15.71 -13.14 3.19
C ALA D 7 16.21 -11.77 3.64
N THR D 8 15.32 -10.97 4.24
CA THR D 8 15.69 -9.63 4.69
C THR D 8 16.85 -9.70 5.67
N ASP D 9 16.77 -10.62 6.61
CA ASP D 9 17.84 -10.84 7.58
C ASP D 9 19.15 -11.11 6.84
N ARG D 10 19.09 -12.03 5.88
CA ARG D 10 20.25 -12.38 5.06
C ARG D 10 20.80 -11.17 4.33
N LEU D 11 19.92 -10.46 3.62
CA LEU D 11 20.31 -9.26 2.88
C LEU D 11 20.89 -8.21 3.81
N MET D 12 20.22 -7.98 4.93
CA MET D 12 20.72 -7.04 5.92
C MET D 12 22.12 -7.43 6.36
N LYS D 13 22.31 -8.72 6.62
CA LYS D 13 23.63 -9.23 6.96
C LYS D 13 24.61 -8.96 5.82
N GLU D 14 24.14 -9.14 4.59
CA GLU D 14 24.97 -8.93 3.41
C GLU D 14 25.52 -7.51 3.33
N LEU D 15 24.62 -6.53 3.44
CA LEU D 15 25.01 -5.13 3.34
C LEU D 15 25.79 -4.69 4.58
N ARG D 16 25.33 -5.14 5.74
CA ARG D 16 26.04 -4.85 7.00
C ARG D 16 27.50 -5.24 6.88
N ASP D 17 27.75 -6.40 6.28
CA ASP D 17 29.11 -6.88 6.08
C ASP D 17 29.87 -6.02 5.06
N ILE D 18 29.15 -5.54 4.06
CA ILE D 18 29.75 -4.72 3.01
C ILE D 18 30.32 -3.41 3.56
N TYR D 19 29.57 -2.75 4.44
CA TYR D 19 30.02 -1.50 5.03
C TYR D 19 31.30 -1.69 5.84
N ARG D 20 31.47 -2.89 6.40
CA ARG D 20 32.58 -3.15 7.31
C ARG D 20 33.72 -3.91 6.64
N SER D 21 33.82 -3.78 5.32
CA SER D 21 34.88 -4.43 4.56
C SER D 21 35.83 -3.40 3.95
N GLN D 22 37.11 -3.76 3.86
CA GLN D 22 38.13 -2.85 3.34
C GLN D 22 37.93 -2.52 1.87
N SER D 23 37.38 -3.45 1.12
CA SER D 23 37.10 -3.23 -0.29
C SER D 23 36.13 -2.08 -0.47
N PHE D 24 35.16 -1.98 0.45
CA PHE D 24 34.17 -0.91 0.42
C PHE D 24 34.68 0.35 1.10
N LYS D 25 35.35 0.19 2.24
CA LYS D 25 35.90 1.31 2.98
C LYS D 25 36.91 2.09 2.13
N GLY D 26 37.60 1.36 1.25
CA GLY D 26 38.58 1.98 0.36
C GLY D 26 37.95 2.94 -0.61
N GLY D 27 36.85 2.52 -1.23
CA GLY D 27 36.14 3.35 -2.19
C GLY D 27 36.03 2.70 -3.56
N ASN D 28 36.20 1.38 -3.60
CA ASN D 28 36.10 0.64 -4.84
C ASN D 28 34.72 0.78 -5.46
N TYR D 29 33.70 0.80 -4.61
CA TYR D 29 32.32 0.87 -5.06
C TYR D 29 31.41 1.52 -4.02
N ALA D 30 30.24 1.97 -4.46
CA ALA D 30 29.24 2.53 -3.56
C ALA D 30 27.96 1.69 -3.64
N VAL D 31 27.17 1.73 -2.57
CA VAL D 31 25.94 0.95 -2.53
C VAL D 31 24.75 1.84 -2.21
N GLU D 32 23.82 1.94 -3.16
CA GLU D 32 22.63 2.75 -2.99
C GLU D 32 21.38 1.88 -3.02
N LEU D 33 20.52 2.02 -2.01
CA LEU D 33 19.24 1.34 -2.01
C LEU D 33 18.27 2.13 -2.87
N VAL D 34 17.96 1.64 -4.05
CA VAL D 34 17.02 2.32 -4.93
C VAL D 34 15.63 2.38 -4.32
N ASN D 35 15.12 3.60 -4.14
CA ASN D 35 13.83 3.81 -3.49
C ASN D 35 13.82 3.23 -2.07
N ASP D 36 14.99 3.18 -1.46
CA ASP D 36 15.15 2.70 -0.09
C ASP D 36 14.83 1.21 0.06
N SER D 37 14.82 0.49 -1.05
CA SER D 37 14.49 -0.94 -1.04
C SER D 37 15.67 -1.81 -0.66
N LEU D 38 15.50 -2.59 0.40
CA LEU D 38 16.54 -3.49 0.88
C LEU D 38 16.76 -4.64 -0.08
N TYR D 39 15.88 -4.77 -1.07
CA TYR D 39 15.91 -5.87 -2.02
C TYR D 39 16.36 -5.41 -3.40
N ASP D 40 16.96 -4.24 -3.46
CA ASP D 40 17.32 -3.64 -4.73
C ASP D 40 18.42 -2.61 -4.53
N TRP D 41 19.64 -2.96 -4.93
CA TRP D 41 20.78 -2.07 -4.77
C TRP D 41 21.32 -1.56 -6.10
N ASN D 42 21.72 -0.29 -6.11
CA ASN D 42 22.53 0.25 -7.18
C ASN D 42 23.99 0.29 -6.74
N VAL D 43 24.80 -0.56 -7.36
CA VAL D 43 26.20 -0.67 -7.00
C VAL D 43 27.07 0.02 -8.06
N LYS D 44 27.66 1.14 -7.67
CA LYS D 44 28.51 1.91 -8.58
C LYS D 44 29.97 1.50 -8.43
N LEU D 45 30.53 0.93 -9.49
CA LEU D 45 31.96 0.64 -9.50
C LEU D 45 32.74 1.93 -9.63
N LEU D 46 33.40 2.33 -8.54
CA LEU D 46 34.15 3.58 -8.49
C LEU D 46 35.60 3.38 -8.92
N LYS D 47 36.16 2.22 -8.61
CA LYS D 47 37.55 1.93 -8.93
C LYS D 47 37.71 0.60 -9.65
N VAL D 48 38.54 0.60 -10.68
CA VAL D 48 38.91 -0.63 -11.39
C VAL D 48 40.42 -0.61 -11.65
N ASP D 49 40.96 -1.74 -12.10
CA ASP D 49 42.38 -1.83 -12.42
C ASP D 49 42.86 -0.61 -13.23
N GLN D 50 43.80 0.13 -12.67
CA GLN D 50 44.27 1.35 -13.28
C GLN D 50 45.18 1.09 -14.49
N ASP D 51 45.68 -0.14 -14.60
CA ASP D 51 46.51 -0.51 -15.72
C ASP D 51 45.66 -0.94 -16.92
N SER D 52 44.36 -1.00 -16.70
CA SER D 52 43.43 -1.48 -17.72
C SER D 52 42.89 -0.35 -18.58
N ALA D 53 42.45 -0.70 -19.78
CA ALA D 53 41.87 0.27 -20.70
C ALA D 53 40.55 0.80 -20.15
N LEU D 54 39.77 -0.09 -19.54
CA LEU D 54 38.50 0.28 -18.94
C LEU D 54 38.68 1.45 -17.97
N HIS D 55 39.80 1.45 -17.25
CA HIS D 55 40.10 2.54 -16.32
C HIS D 55 40.19 3.88 -17.03
N ASN D 56 40.89 3.90 -18.16
CA ASN D 56 41.02 5.11 -18.94
C ASN D 56 39.72 5.49 -19.62
N ASP D 57 38.89 4.50 -19.91
CA ASP D 57 37.58 4.73 -20.51
C ASP D 57 36.66 5.46 -19.54
N LEU D 58 36.69 5.04 -18.29
CA LEU D 58 35.87 5.65 -17.25
C LEU D 58 36.39 7.04 -16.90
N GLN D 59 37.71 7.20 -16.94
CA GLN D 59 38.33 8.50 -16.72
C GLN D 59 37.92 9.48 -17.82
N ILE D 60 37.97 9.02 -19.06
CA ILE D 60 37.55 9.82 -20.20
C ILE D 60 36.06 10.11 -20.11
N LEU D 61 35.32 9.18 -19.52
CA LEU D 61 33.87 9.32 -19.40
C LEU D 61 33.48 10.37 -18.37
N LYS D 62 34.33 10.58 -17.37
CA LYS D 62 34.06 11.54 -16.31
C LYS D 62 34.18 12.98 -16.79
N GLU D 63 35.35 13.34 -17.31
CA GLU D 63 35.58 14.70 -17.78
C GLU D 63 34.62 15.03 -18.93
N LYS D 64 34.23 13.99 -19.68
CA LYS D 64 33.35 14.16 -20.82
C LYS D 64 31.88 14.23 -20.40
N GLU D 65 31.34 13.09 -19.99
CA GLU D 65 29.90 12.98 -19.72
C GLU D 65 29.57 13.10 -18.23
N GLY D 66 30.59 13.11 -17.38
CA GLY D 66 30.38 13.30 -15.95
C GLY D 66 30.43 12.02 -15.13
N ALA D 67 29.94 10.93 -15.71
CA ALA D 67 29.90 9.64 -15.02
C ALA D 67 31.25 8.94 -15.05
N ASP D 68 31.85 8.76 -13.88
CA ASP D 68 33.15 8.12 -13.77
C ASP D 68 33.04 6.70 -13.22
N PHE D 69 31.81 6.20 -13.14
CA PHE D 69 31.57 4.90 -12.53
C PHE D 69 30.80 3.96 -13.44
N ILE D 70 30.80 2.68 -13.09
CA ILE D 70 29.95 1.69 -13.75
C ILE D 70 28.79 1.34 -12.82
N LEU D 71 27.57 1.64 -13.26
CA LEU D 71 26.39 1.42 -12.44
C LEU D 71 25.82 0.01 -12.62
N LEU D 72 25.98 -0.81 -11.60
CA LEU D 72 25.40 -2.15 -11.60
C LEU D 72 24.09 -2.14 -10.83
N ASN D 73 23.18 -3.04 -11.18
CA ASN D 73 21.91 -3.16 -10.48
C ASN D 73 21.67 -4.56 -9.93
N PHE D 74 21.63 -4.67 -8.61
CA PHE D 74 21.38 -5.94 -7.94
C PHE D 74 19.93 -6.04 -7.49
N SER D 75 19.20 -7.00 -8.04
CA SER D 75 17.84 -7.29 -7.58
C SER D 75 17.81 -8.63 -6.87
N PHE D 76 17.37 -8.63 -5.62
CA PHE D 76 17.38 -9.84 -4.80
C PHE D 76 16.00 -10.42 -4.60
N LYS D 77 14.99 -9.78 -5.19
CA LYS D 77 13.61 -10.20 -5.00
C LYS D 77 13.37 -11.67 -5.36
N ASP D 78 13.45 -12.01 -6.64
CA ASP D 78 13.25 -13.39 -7.08
C ASP D 78 14.46 -13.93 -7.83
N ASN D 79 15.24 -14.79 -7.17
CA ASN D 79 14.95 -15.19 -5.81
C ASN D 79 16.22 -15.50 -5.00
N PHE D 80 16.90 -14.45 -4.54
CA PHE D 80 18.05 -14.59 -3.67
C PHE D 80 17.60 -15.15 -2.33
N PRO D 81 18.42 -16.00 -1.68
CA PRO D 81 19.73 -16.48 -2.12
C PRO D 81 19.66 -17.79 -2.90
N PHE D 82 18.48 -18.41 -2.92
CA PHE D 82 18.28 -19.68 -3.63
C PHE D 82 18.75 -19.57 -5.08
N ASP D 83 18.16 -18.63 -5.82
CA ASP D 83 18.61 -18.30 -7.17
C ASP D 83 19.67 -17.21 -7.10
N PRO D 84 20.48 -17.08 -8.14
CA PRO D 84 21.49 -16.02 -8.18
C PRO D 84 20.82 -14.65 -8.14
N PRO D 85 21.56 -13.62 -7.73
CA PRO D 85 21.00 -12.27 -7.79
C PRO D 85 20.83 -11.84 -9.24
N PHE D 86 19.79 -11.08 -9.52
CA PHE D 86 19.56 -10.56 -10.87
C PHE D 86 20.43 -9.32 -11.10
N VAL D 87 21.67 -9.54 -11.52
CA VAL D 87 22.62 -8.46 -11.74
C VAL D 87 22.63 -8.03 -13.21
N ARG D 88 22.58 -6.72 -13.43
CA ARG D 88 22.66 -6.18 -14.78
C ARG D 88 23.45 -4.87 -14.79
N VAL D 89 23.98 -4.53 -15.96
CA VAL D 89 24.71 -3.29 -16.13
C VAL D 89 23.76 -2.20 -16.64
N VAL D 90 23.68 -1.10 -15.91
CA VAL D 90 22.81 0.01 -16.29
C VAL D 90 23.54 0.97 -17.22
N SER D 91 24.75 1.35 -16.84
CA SER D 91 25.57 2.26 -17.63
C SER D 91 26.99 2.24 -17.11
N PRO D 92 27.97 2.49 -18.00
CA PRO D 92 27.75 2.78 -19.42
C PRO D 92 27.56 1.49 -20.21
N VAL D 93 27.47 1.63 -21.53
CA VAL D 93 27.44 0.46 -22.39
C VAL D 93 28.84 -0.14 -22.47
N LEU D 94 28.93 -1.45 -22.31
CA LEU D 94 30.22 -2.13 -22.31
C LEU D 94 30.25 -3.28 -23.30
N SER D 95 31.38 -3.46 -23.96
CA SER D 95 31.61 -4.64 -24.80
C SER D 95 32.77 -5.43 -24.21
N GLY D 96 32.55 -6.73 -24.03
CA GLY D 96 33.51 -7.57 -23.33
C GLY D 96 33.10 -7.70 -21.87
N GLY D 97 33.90 -8.42 -21.09
CA GLY D 97 33.59 -8.64 -19.69
C GLY D 97 32.30 -9.44 -19.57
N TYR D 98 31.89 -10.06 -20.68
CA TYR D 98 30.72 -10.93 -20.71
C TYR D 98 29.40 -10.18 -20.61
N VAL D 99 29.45 -8.85 -20.72
CA VAL D 99 28.26 -8.02 -20.61
C VAL D 99 27.42 -8.07 -21.89
N LEU D 100 26.31 -8.79 -21.82
CA LEU D 100 25.45 -9.02 -22.99
C LEU D 100 24.78 -7.74 -23.51
N GLY D 101 23.99 -7.91 -24.57
CA GLY D 101 23.22 -6.80 -25.13
C GLY D 101 21.92 -6.62 -24.38
N GLY D 102 21.84 -5.54 -23.62
CA GLY D 102 20.70 -5.28 -22.76
C GLY D 102 21.15 -4.96 -21.35
N GLY D 103 22.33 -5.46 -21.00
CA GLY D 103 22.90 -5.20 -19.69
C GLY D 103 23.19 -6.48 -18.92
N ALA D 104 22.55 -7.57 -19.32
CA ALA D 104 22.72 -8.85 -18.65
C ALA D 104 24.19 -9.24 -18.59
N ILE D 105 24.55 -10.06 -17.60
CA ILE D 105 25.93 -10.50 -17.44
C ILE D 105 26.03 -12.03 -17.47
N CYS D 106 26.80 -12.53 -18.44
CA CYS D 106 26.96 -13.97 -18.60
C CYS D 106 28.16 -14.50 -17.82
N MET D 107 28.03 -14.53 -16.49
CA MET D 107 29.05 -15.10 -15.62
C MET D 107 28.58 -16.45 -15.11
N GLU D 108 29.54 -17.33 -14.81
CA GLU D 108 29.24 -18.67 -14.35
C GLU D 108 28.46 -18.67 -13.02
N LEU D 109 28.94 -17.88 -12.07
CA LEU D 109 28.35 -17.87 -10.73
C LEU D 109 26.99 -17.20 -10.68
N LEU D 110 26.60 -16.56 -11.78
CA LEU D 110 25.30 -15.89 -11.84
C LEU D 110 24.23 -16.77 -12.49
N THR D 111 24.56 -18.05 -12.66
CA THR D 111 23.63 -19.01 -13.24
C THR D 111 23.24 -20.06 -12.20
N LYS D 112 22.13 -20.75 -12.44
CA LYS D 112 21.64 -21.76 -11.50
C LYS D 112 22.74 -22.74 -11.09
N GLN D 113 23.58 -23.11 -12.06
CA GLN D 113 24.60 -24.14 -11.84
C GLN D 113 25.87 -23.58 -11.21
N GLY D 114 26.22 -22.35 -11.58
CA GLY D 114 27.43 -21.73 -11.08
C GLY D 114 27.24 -20.96 -9.80
N TRP D 115 25.98 -20.85 -9.36
CA TRP D 115 25.66 -20.08 -8.17
C TRP D 115 25.50 -20.93 -6.93
N SER D 116 25.87 -20.35 -5.79
CA SER D 116 25.63 -20.97 -4.49
C SER D 116 25.00 -19.94 -3.56
N SER D 117 24.00 -20.37 -2.80
CA SER D 117 23.30 -19.47 -1.90
C SER D 117 24.19 -18.99 -0.76
N ALA D 118 25.37 -19.60 -0.64
CA ALA D 118 26.31 -19.26 0.43
C ALA D 118 27.36 -18.25 -0.02
N TYR D 119 27.21 -17.73 -1.23
CA TYR D 119 28.13 -16.74 -1.77
C TYR D 119 27.90 -15.34 -1.20
N SER D 120 28.98 -14.62 -0.93
CA SER D 120 28.88 -13.26 -0.42
C SER D 120 28.49 -12.29 -1.53
N ILE D 121 27.92 -11.15 -1.15
CA ILE D 121 27.50 -10.14 -2.12
C ILE D 121 28.64 -9.21 -2.48
N GLU D 122 29.35 -8.73 -1.47
CA GLU D 122 30.55 -7.93 -1.72
C GLU D 122 31.46 -8.75 -2.60
N SER D 123 31.41 -10.07 -2.41
CA SER D 123 32.18 -11.01 -3.22
C SER D 123 31.73 -10.95 -4.66
N VAL D 124 30.43 -11.14 -4.88
CA VAL D 124 29.86 -11.05 -6.21
C VAL D 124 30.24 -9.73 -6.87
N ILE D 125 30.29 -8.68 -6.07
CA ILE D 125 30.69 -7.36 -6.58
C ILE D 125 32.16 -7.36 -6.95
N MET D 126 33.00 -7.96 -6.11
CA MET D 126 34.42 -8.01 -6.36
C MET D 126 34.76 -8.78 -7.63
N GLN D 127 34.14 -9.94 -7.81
CA GLN D 127 34.37 -10.76 -8.99
C GLN D 127 33.92 -10.07 -10.27
N ILE D 128 32.70 -9.53 -10.25
CA ILE D 128 32.16 -8.83 -11.41
C ILE D 128 33.13 -7.75 -11.89
N SER D 129 33.72 -7.02 -10.96
CA SER D 129 34.67 -5.96 -11.30
C SER D 129 35.94 -6.54 -11.92
N ALA D 130 36.33 -7.72 -11.47
CA ALA D 130 37.57 -8.35 -11.92
C ALA D 130 37.42 -9.01 -13.28
N THR D 131 36.24 -9.56 -13.57
CA THR D 131 35.99 -10.19 -14.85
C THR D 131 35.75 -9.14 -15.93
N LEU D 132 35.45 -7.91 -15.50
CA LEU D 132 35.31 -6.80 -16.43
C LEU D 132 36.68 -6.42 -16.97
N VAL D 133 37.69 -6.51 -16.11
CA VAL D 133 39.06 -6.21 -16.50
C VAL D 133 39.69 -7.39 -17.24
N LYS D 134 39.50 -8.60 -16.71
CA LYS D 134 40.01 -9.81 -17.35
C LYS D 134 39.40 -10.01 -18.73
N GLY D 135 38.12 -9.71 -18.86
CA GLY D 135 37.42 -9.85 -20.14
C GLY D 135 37.72 -8.68 -21.05
N LYS D 136 38.54 -7.76 -20.58
CA LYS D 136 38.93 -6.59 -21.36
C LYS D 136 37.72 -5.80 -21.86
N ALA D 137 36.86 -5.41 -20.93
CA ALA D 137 35.68 -4.61 -21.26
C ALA D 137 36.09 -3.20 -21.64
N ARG D 138 35.28 -2.58 -22.50
CA ARG D 138 35.57 -1.24 -22.99
C ARG D 138 34.28 -0.42 -23.10
N VAL D 139 34.35 0.86 -22.72
CA VAL D 139 33.19 1.73 -22.80
C VAL D 139 32.80 2.02 -24.25
N GLN D 140 31.60 1.61 -24.63
CA GLN D 140 31.08 1.89 -25.97
C GLN D 140 30.58 3.32 -26.04
N PHE D 141 31.50 4.26 -26.24
CA PHE D 141 31.17 5.68 -26.26
C PHE D 141 30.13 6.01 -27.31
N GLY D 142 30.10 5.20 -28.38
CA GLY D 142 29.18 5.45 -29.48
C GLY D 142 27.77 4.97 -29.19
N ALA D 143 27.65 3.80 -28.57
CA ALA D 143 26.35 3.17 -28.33
C ALA D 143 25.31 4.14 -27.76
N ASN D 144 24.08 4.01 -28.24
CA ASN D 144 22.96 4.77 -27.69
C ASN D 144 22.79 4.46 -26.22
N LYS D 145 22.85 5.50 -25.38
CA LYS D 145 22.65 5.33 -23.95
C LYS D 145 21.19 5.46 -23.56
N SER D 146 20.56 4.33 -23.26
CA SER D 146 21.26 3.05 -23.31
C SER D 146 20.48 2.00 -24.09
N GLN D 147 21.20 1.21 -24.88
CA GLN D 147 20.62 0.04 -25.50
C GLN D 147 20.34 -0.95 -24.38
N TYR D 148 20.91 -0.66 -23.21
CA TYR D 148 20.65 -1.42 -22.01
C TYR D 148 19.24 -1.13 -21.51
N SER D 149 18.63 -2.12 -20.87
CA SER D 149 17.24 -2.02 -20.47
C SER D 149 16.88 -3.12 -19.48
N LEU D 150 16.04 -2.78 -18.51
CA LEU D 150 15.61 -3.74 -17.50
C LEU D 150 14.82 -4.87 -18.15
N THR D 151 13.87 -4.51 -19.01
CA THR D 151 13.07 -5.51 -19.70
C THR D 151 13.93 -6.40 -20.59
N ARG D 152 15.01 -5.83 -21.14
CA ARG D 152 15.94 -6.58 -21.97
C ARG D 152 16.80 -7.52 -21.12
N ALA D 153 17.42 -6.96 -20.08
CA ALA D 153 18.30 -7.72 -19.21
C ALA D 153 17.55 -8.80 -18.46
N GLN D 154 16.29 -8.53 -18.14
CA GLN D 154 15.48 -9.45 -17.35
C GLN D 154 15.07 -10.67 -18.17
N GLN D 155 14.85 -10.47 -19.47
CA GLN D 155 14.57 -11.58 -20.37
C GLN D 155 15.73 -12.57 -20.35
N SER D 156 16.94 -12.04 -20.42
CA SER D 156 18.14 -12.86 -20.37
C SER D 156 18.23 -13.61 -19.05
N TYR D 157 18.02 -12.88 -17.95
CA TYR D 157 18.11 -13.48 -16.62
C TYR D 157 17.14 -14.66 -16.45
N LYS D 158 15.90 -14.46 -16.85
CA LYS D 158 14.88 -15.51 -16.74
C LYS D 158 15.23 -16.71 -17.60
N SER D 159 15.93 -16.47 -18.70
CA SER D 159 16.38 -17.56 -19.56
C SER D 159 17.62 -18.24 -18.96
N LEU D 160 18.47 -17.43 -18.33
CA LEU D 160 19.70 -17.94 -17.71
C LEU D 160 19.41 -18.82 -16.51
N VAL D 161 18.47 -18.40 -15.66
CA VAL D 161 18.21 -19.07 -14.41
C VAL D 161 16.82 -19.70 -14.31
N GLN D 162 16.10 -19.71 -15.42
CA GLN D 162 14.74 -20.26 -15.45
C GLN D 162 13.88 -19.72 -14.30
#